data_3W1N
#
_entry.id   3W1N
#
_cell.length_a   68.580
_cell.length_b   71.889
_cell.length_c   124.208
_cell.angle_alpha   90.00
_cell.angle_beta   90.00
_cell.angle_gamma   90.00
#
_symmetry.space_group_name_H-M   'P 21 21 21'
#
loop_
_entity.id
_entity.type
_entity.pdbx_description
1 polymer 'Dihydroorotate dehydrogenase (fumarate)'
2 non-polymer 'FLAVIN MONONUCLEOTIDE'
3 non-polymer 'COBALT HEXAMMINE(III)'
4 non-polymer '5-iodo-2,6-dioxo-1,2,3,6-tetrahydropyrimidine-4-carboxylic acid'
5 non-polymer GLYCEROL
6 water water
#
_entity_poly.entity_id   1
_entity_poly.type   'polypeptide(L)'
_entity_poly.pdbx_seq_one_letter_code
;MCLKLNLLDHVFANPFMNAAGVLCSTEEDLRCMTASSSGALVSKSCTSAPRDGNPEPRYMAFPLGSINSMGLPNLGFDFY
LKYASDLHDYSKKPLFLSISGLSVEENVAMVRRLAPVAQEKGVLLELNLSCPNVPGKPQVAYDFEAMRTYLQQVSLAYGL
PFGVKMPPYFDIAHFDTAAAVLNEFPLVKFVTCVNSVGNGLVIDAESESVVIKPKQGFGGLGGKYILPTALANVNAFYRR
CPDKLVFGCGGVYSGEDAFLHILAGASMVQVGTALQEEGPGIFTRLEDELLEIMARKGYRTLEEFRGRVKTIE
;
_entity_poly.pdbx_strand_id   A,B
#
# COMPACT_ATOMS: atom_id res chain seq x y z
N MET A 1 -29.18 -16.29 -18.81
CA MET A 1 -27.77 -15.80 -18.60
C MET A 1 -27.11 -16.47 -17.39
N CYS A 2 -25.89 -16.93 -17.57
CA CYS A 2 -25.13 -17.66 -16.54
C CYS A 2 -23.66 -17.34 -16.72
N LEU A 3 -22.93 -17.25 -15.60
CA LEU A 3 -21.53 -16.79 -15.56
C LEU A 3 -20.54 -17.94 -15.60
N LYS A 4 -20.92 -19.12 -16.09
CA LYS A 4 -20.00 -20.25 -16.04
C LYS A 4 -18.78 -19.97 -16.91
N LEU A 5 -17.64 -20.59 -16.60
CA LEU A 5 -16.42 -20.34 -17.37
C LEU A 5 -15.47 -21.54 -17.29
N ASN A 6 -14.47 -21.56 -18.16
CA ASN A 6 -13.50 -22.66 -18.22
C ASN A 6 -12.12 -22.12 -18.11
N LEU A 7 -11.32 -22.70 -17.22
CA LEU A 7 -9.92 -22.26 -17.06
C LEU A 7 -9.11 -23.41 -16.53
N LEU A 8 -7.86 -23.51 -17.00
CA LEU A 8 -6.90 -24.45 -16.45
C LEU A 8 -7.45 -25.86 -16.53
N ASP A 9 -8.16 -26.16 -17.62
CA ASP A 9 -8.76 -27.49 -17.87
C ASP A 9 -9.84 -27.85 -16.87
N HIS A 10 -10.46 -26.84 -16.28
CA HIS A 10 -11.51 -27.06 -15.31
C HIS A 10 -12.64 -26.16 -15.74
N VAL A 11 -13.86 -26.57 -15.38
CA VAL A 11 -15.06 -25.76 -15.56
C VAL A 11 -15.41 -25.11 -14.23
N PHE A 12 -15.83 -23.85 -14.25
CA PHE A 12 -16.32 -23.17 -13.06
C PHE A 12 -17.73 -22.60 -13.24
N ALA A 13 -18.59 -22.70 -12.24
CA ALA A 13 -19.96 -22.14 -12.39
C ALA A 13 -20.01 -20.56 -12.35
N ASN A 14 -19.05 -19.96 -11.67
CA ASN A 14 -18.95 -18.50 -11.62
C ASN A 14 -17.52 -18.21 -11.24
N PRO A 15 -17.05 -16.96 -11.33
CA PRO A 15 -15.63 -16.70 -11.10
C PRO A 15 -15.23 -16.51 -9.62
N PHE A 16 -16.17 -16.62 -8.70
CA PHE A 16 -15.84 -16.39 -7.29
C PHE A 16 -15.27 -17.54 -6.44
N MET A 17 -14.40 -17.15 -5.52
CA MET A 17 -13.83 -18.08 -4.58
C MET A 17 -13.40 -17.31 -3.36
N ASN A 18 -13.10 -18.04 -2.29
CA ASN A 18 -12.50 -17.45 -1.13
C ASN A 18 -11.05 -17.07 -1.42
N ALA A 19 -10.55 -16.13 -0.62
CA ALA A 19 -9.16 -15.78 -0.60
C ALA A 19 -8.49 -16.79 0.29
N ALA A 20 -7.28 -17.23 -0.07
CA ALA A 20 -6.61 -18.19 0.80
C ALA A 20 -6.52 -17.63 2.19
N GLY A 21 -6.79 -18.47 3.16
CA GLY A 21 -6.65 -18.06 4.58
C GLY A 21 -7.99 -17.83 5.26
N VAL A 22 -9.01 -17.54 4.45
CA VAL A 22 -10.38 -17.25 4.93
C VAL A 22 -11.31 -18.41 4.70
N LEU A 23 -11.90 -18.89 5.79
CA LEU A 23 -12.85 -19.99 5.78
C LEU A 23 -12.32 -21.27 5.12
N CYS A 24 -11.09 -21.64 5.42
CA CYS A 24 -10.49 -22.78 4.74
C CYS A 24 -9.40 -23.50 5.55
N SER A 25 -9.41 -23.40 6.87
CA SER A 25 -8.33 -24.02 7.64
C SER A 25 -8.66 -25.45 8.03
N THR A 26 -9.90 -25.71 8.42
CA THR A 26 -10.30 -27.03 8.87
C THR A 26 -11.16 -27.76 7.83
N GLU A 27 -11.41 -29.05 8.06
CA GLU A 27 -12.36 -29.82 7.25
C GLU A 27 -13.74 -29.15 7.22
N GLU A 28 -14.22 -28.80 8.42
CA GLU A 28 -15.45 -28.07 8.55
C GLU A 28 -15.42 -26.85 7.63
N ASP A 29 -14.39 -26.04 7.74
CA ASP A 29 -14.31 -24.85 6.92
C ASP A 29 -14.46 -25.21 5.46
N LEU A 30 -13.74 -26.24 5.05
CA LEU A 30 -13.65 -26.62 3.64
C LEU A 30 -14.95 -27.18 3.13
N ARG A 31 -15.66 -27.93 3.96
CA ARG A 31 -17.01 -28.42 3.58
C ARG A 31 -17.97 -27.25 3.42
N CYS A 32 -17.86 -26.27 4.31
CA CYS A 32 -18.69 -25.04 4.23
C CYS A 32 -18.51 -24.23 2.93
N MET A 33 -17.26 -23.92 2.57
CA MET A 33 -16.95 -23.34 1.26
C MET A 33 -17.31 -24.23 0.06
N THR A 34 -17.27 -25.57 0.23
CA THR A 34 -17.71 -26.47 -0.80
C THR A 34 -19.21 -26.38 -0.95
N ALA A 35 -19.96 -26.37 0.16
CA ALA A 35 -21.41 -26.26 0.05
C ALA A 35 -21.97 -24.84 -0.31
N SER A 36 -21.09 -23.83 -0.35
CA SER A 36 -21.49 -22.46 -0.71
C SER A 36 -21.70 -22.35 -2.22
N SER A 37 -22.22 -21.23 -2.69
CA SER A 37 -22.39 -21.16 -4.13
C SER A 37 -21.16 -20.60 -4.84
N SER A 38 -20.00 -20.60 -4.18
CA SER A 38 -18.79 -20.16 -4.85
C SER A 38 -18.40 -21.08 -5.99
N GLY A 39 -17.68 -20.53 -6.94
CA GLY A 39 -17.27 -21.31 -8.10
C GLY A 39 -16.06 -22.19 -7.85
N ALA A 40 -15.34 -21.94 -6.76
CA ALA A 40 -14.19 -22.77 -6.40
C ALA A 40 -13.84 -22.48 -4.94
N LEU A 41 -12.83 -23.20 -4.42
CA LEU A 41 -12.25 -22.83 -3.16
C LEU A 41 -10.75 -23.03 -3.16
N VAL A 42 -10.08 -22.34 -2.22
CA VAL A 42 -8.66 -22.56 -1.96
C VAL A 42 -8.44 -22.86 -0.50
N SER A 43 -7.51 -23.76 -0.21
CA SER A 43 -7.26 -24.16 1.15
C SER A 43 -6.29 -23.20 1.83
N LYS A 44 -6.26 -23.24 3.16
CA LYS A 44 -5.35 -22.40 3.93
C LYS A 44 -3.92 -22.70 3.49
N SER A 45 -3.09 -21.67 3.35
CA SER A 45 -1.67 -21.86 3.04
C SER A 45 -1.04 -22.74 4.10
N CYS A 46 -0.27 -23.74 3.69
CA CYS A 46 0.24 -24.74 4.63
C CYS A 46 1.74 -24.92 4.65
N THR A 47 2.20 -25.50 5.75
CA THR A 47 3.59 -25.86 5.90
C THR A 47 3.65 -27.38 6.12
N SER A 48 4.86 -27.93 6.11
CA SER A 48 5.06 -29.38 6.20
C SER A 48 4.51 -29.86 7.52
N ALA A 49 4.76 -29.12 8.57
CA ALA A 49 4.27 -29.54 9.87
C ALA A 49 3.13 -28.61 10.33
N PRO A 50 2.18 -29.10 11.13
CA PRO A 50 1.19 -28.20 11.75
C PRO A 50 1.84 -27.02 12.50
N ARG A 51 1.16 -25.86 12.49
CA ARG A 51 1.59 -24.64 13.22
C ARG A 51 0.39 -24.07 13.97
N ASP A 52 0.62 -23.55 15.19
CA ASP A 52 -0.42 -22.83 15.92
C ASP A 52 -0.55 -21.39 15.43
N GLY A 53 0.46 -20.82 14.79
CA GLY A 53 0.43 -19.41 14.45
C GLY A 53 0.75 -18.43 15.61
N ASN A 54 0.53 -17.15 15.36
CA ASN A 54 0.89 -16.12 16.33
C ASN A 54 -0.15 -16.06 17.43
N PRO A 55 0.20 -15.41 18.56
CA PRO A 55 -0.78 -15.20 19.64
C PRO A 55 -1.93 -14.23 19.31
N GLU A 56 -3.06 -14.48 19.93
CA GLU A 56 -4.23 -13.68 19.74
C GLU A 56 -4.18 -12.47 20.68
N PRO A 57 -4.89 -11.38 20.32
CA PRO A 57 -5.65 -11.24 19.09
C PRO A 57 -4.73 -11.06 17.88
N ARG A 58 -5.09 -11.69 16.77
CA ARG A 58 -4.30 -11.63 15.55
C ARG A 58 -5.05 -11.28 14.26
N TYR A 59 -6.37 -11.09 14.34
CA TYR A 59 -7.15 -10.53 13.27
C TYR A 59 -8.08 -9.50 13.88
N MET A 60 -8.26 -8.36 13.22
CA MET A 60 -9.26 -7.40 13.57
C MET A 60 -9.85 -6.78 12.32
N ALA A 61 -11.16 -6.53 12.35
CA ALA A 61 -11.83 -5.91 11.21
C ALA A 61 -12.49 -4.63 11.63
N PHE A 62 -12.74 -3.78 10.63
CA PHE A 62 -13.20 -2.40 10.80
C PHE A 62 -14.01 -2.02 9.58
N PRO A 63 -14.80 -0.94 9.65
CA PRO A 63 -15.63 -0.62 8.45
C PRO A 63 -14.86 -0.61 7.13
N LEU A 64 -13.59 -0.20 7.15
CA LEU A 64 -12.80 -0.12 5.91
C LEU A 64 -11.86 -1.31 5.64
N GLY A 65 -11.91 -2.31 6.52
CA GLY A 65 -11.17 -3.51 6.23
C GLY A 65 -10.60 -4.22 7.43
N SER A 66 -9.50 -4.93 7.20
CA SER A 66 -8.96 -5.80 8.18
C SER A 66 -7.44 -5.64 8.30
N ILE A 67 -6.91 -6.04 9.44
CA ILE A 67 -5.48 -6.18 9.62
C ILE A 67 -5.24 -7.58 10.19
N ASN A 68 -4.17 -8.26 9.75
CA ASN A 68 -3.84 -9.56 10.36
C ASN A 68 -2.40 -9.92 10.39
N SER A 69 -2.04 -10.65 11.42
CA SER A 69 -0.76 -11.31 11.51
C SER A 69 -1.05 -12.68 12.09
N MET A 70 -1.80 -13.47 11.31
CA MET A 70 -2.23 -14.82 11.73
C MET A 70 -0.99 -15.67 12.05
N GLY A 71 0.00 -15.53 11.19
CA GLY A 71 1.27 -16.20 11.31
C GLY A 71 1.23 -17.63 10.83
N LEU A 72 0.39 -17.90 9.85
CA LEU A 72 0.45 -19.15 9.11
C LEU A 72 -0.01 -20.31 9.98
N PRO A 73 -1.04 -20.09 10.83
CA PRO A 73 -1.54 -21.32 11.48
C PRO A 73 -2.22 -22.25 10.48
N ASN A 74 -1.93 -23.52 10.55
CA ASN A 74 -2.54 -24.45 9.65
C ASN A 74 -2.34 -25.90 10.17
N LEU A 75 -3.18 -26.79 9.62
CA LEU A 75 -3.27 -28.18 10.08
C LEU A 75 -2.15 -29.10 9.56
N GLY A 76 -1.27 -28.54 8.73
CA GLY A 76 -0.14 -29.29 8.24
C GLY A 76 -0.48 -29.79 6.86
N PHE A 77 0.54 -29.78 6.01
CA PHE A 77 0.39 -30.24 4.63
C PHE A 77 -0.27 -31.61 4.57
N ASP A 78 0.05 -32.51 5.50
CA ASP A 78 -0.53 -33.86 5.43
C ASP A 78 -2.05 -33.79 5.42
N PHE A 79 -2.62 -32.85 6.20
CA PHE A 79 -4.08 -32.76 6.26
C PHE A 79 -4.68 -32.23 4.94
N TYR A 80 -4.15 -31.13 4.43
CA TYR A 80 -4.71 -30.57 3.19
C TYR A 80 -4.50 -31.47 1.98
N LEU A 81 -3.42 -32.26 1.99
CA LEU A 81 -3.20 -33.26 0.91
C LEU A 81 -4.31 -34.32 0.97
N LYS A 82 -4.54 -34.85 2.17
CA LYS A 82 -5.59 -35.87 2.37
C LYS A 82 -6.96 -35.32 2.03
N TYR A 83 -7.22 -34.06 2.43
CA TYR A 83 -8.47 -33.44 2.03
C TYR A 83 -8.56 -33.44 0.49
N ALA A 84 -7.48 -33.01 -0.15
CA ALA A 84 -7.43 -33.03 -1.61
C ALA A 84 -7.57 -34.42 -2.24
N SER A 85 -6.88 -35.40 -1.67
CA SER A 85 -6.87 -36.75 -2.23
C SER A 85 -8.17 -37.53 -2.00
N ASP A 86 -8.68 -37.52 -0.77
CA ASP A 86 -9.76 -38.42 -0.38
C ASP A 86 -11.09 -37.76 -0.01
N LEU A 87 -11.09 -36.48 0.40
CA LEU A 87 -12.31 -35.90 0.99
C LEU A 87 -13.03 -34.91 0.11
N HIS A 88 -12.34 -34.15 -0.73
CA HIS A 88 -13.06 -33.15 -1.52
C HIS A 88 -13.95 -33.74 -2.59
N ASP A 89 -15.16 -33.20 -2.74
CA ASP A 89 -16.06 -33.64 -3.81
C ASP A 89 -15.77 -32.77 -5.06
N TYR A 90 -14.96 -33.31 -5.96
CA TYR A 90 -14.66 -32.62 -7.19
C TYR A 90 -15.86 -32.37 -8.09
N SER A 91 -16.94 -33.10 -7.90
CA SER A 91 -18.12 -32.86 -8.74
C SER A 91 -18.78 -31.53 -8.35
N LYS A 92 -18.49 -31.00 -7.17
CA LYS A 92 -19.10 -29.71 -6.77
C LYS A 92 -18.42 -28.50 -7.42
N LYS A 93 -17.10 -28.40 -7.25
CA LYS A 93 -16.34 -27.28 -7.78
C LYS A 93 -14.88 -27.66 -7.68
N PRO A 94 -14.01 -27.00 -8.44
CA PRO A 94 -12.58 -27.24 -8.28
C PRO A 94 -11.97 -26.71 -7.00
N LEU A 95 -10.79 -27.26 -6.69
CA LEU A 95 -10.11 -27.01 -5.48
C LEU A 95 -8.67 -26.58 -5.82
N PHE A 96 -8.23 -25.51 -5.15
CA PHE A 96 -6.86 -24.99 -5.23
C PHE A 96 -6.21 -25.32 -3.89
N LEU A 97 -4.93 -25.66 -3.89
CA LEU A 97 -4.28 -25.88 -2.63
C LEU A 97 -3.16 -24.85 -2.51
N SER A 98 -3.09 -24.15 -1.38
CA SER A 98 -2.04 -23.14 -1.17
C SER A 98 -0.97 -23.69 -0.26
N ILE A 99 0.28 -23.57 -0.70
CA ILE A 99 1.44 -23.92 0.11
C ILE A 99 2.28 -22.70 0.42
N SER A 100 2.75 -22.59 1.67
CA SER A 100 3.60 -21.47 2.06
C SER A 100 4.79 -21.90 2.91
N GLY A 101 5.57 -22.86 2.42
CA GLY A 101 6.75 -23.33 3.16
C GLY A 101 7.69 -22.16 3.40
N LEU A 102 8.52 -22.28 4.42
CA LEU A 102 9.34 -21.15 4.86
C LEU A 102 10.76 -21.19 4.26
N SER A 103 10.93 -21.97 3.20
CA SER A 103 12.21 -22.06 2.46
C SER A 103 11.91 -22.82 1.18
N VAL A 104 12.79 -22.66 0.18
CA VAL A 104 12.59 -23.35 -1.07
C VAL A 104 12.47 -24.87 -0.87
N GLU A 105 13.29 -25.40 0.03
CA GLU A 105 13.39 -26.85 0.27
C GLU A 105 12.06 -27.38 0.82
N GLU A 106 11.46 -26.62 1.72
CA GLU A 106 10.17 -27.03 2.28
C GLU A 106 9.12 -27.03 1.16
N ASN A 107 9.11 -26.00 0.33
CA ASN A 107 8.15 -26.00 -0.77
C ASN A 107 8.38 -27.17 -1.74
N VAL A 108 9.62 -27.37 -2.13
CA VAL A 108 9.96 -28.51 -2.99
C VAL A 108 9.49 -29.82 -2.37
N ALA A 109 9.74 -30.03 -1.09
CA ALA A 109 9.28 -31.28 -0.45
C ALA A 109 7.74 -31.42 -0.49
N MET A 110 7.00 -30.34 -0.24
CA MET A 110 5.55 -30.40 -0.39
C MET A 110 5.11 -30.69 -1.84
N VAL A 111 5.61 -29.94 -2.82
CA VAL A 111 5.08 -30.17 -4.19
C VAL A 111 5.46 -31.52 -4.76
N ARG A 112 6.55 -32.10 -4.30
CA ARG A 112 6.90 -33.46 -4.74
C ARG A 112 5.78 -34.50 -4.45
N ARG A 113 5.12 -34.35 -3.31
CA ARG A 113 4.00 -35.20 -2.91
C ARG A 113 2.63 -34.76 -3.43
N LEU A 114 2.43 -33.46 -3.64
CA LEU A 114 1.21 -32.98 -4.24
C LEU A 114 1.10 -33.44 -5.67
N ALA A 115 2.23 -33.52 -6.36
CA ALA A 115 2.24 -33.92 -7.81
C ALA A 115 1.31 -35.12 -8.19
N PRO A 116 1.44 -36.27 -7.51
CA PRO A 116 0.58 -37.41 -7.90
C PRO A 116 -0.91 -37.16 -7.67
N VAL A 117 -1.21 -36.42 -6.60
CA VAL A 117 -2.60 -36.10 -6.27
C VAL A 117 -3.20 -35.16 -7.32
N ALA A 118 -2.43 -34.16 -7.71
CA ALA A 118 -2.79 -33.27 -8.82
C ALA A 118 -2.99 -34.03 -10.14
N GLN A 119 -2.11 -34.97 -10.46
CA GLN A 119 -2.31 -35.86 -11.65
C GLN A 119 -3.63 -36.61 -11.52
N GLU A 120 -3.85 -37.22 -10.37
CA GLU A 120 -5.04 -38.04 -10.19
C GLU A 120 -6.34 -37.23 -10.10
N LYS A 121 -6.28 -36.12 -9.39
CA LYS A 121 -7.50 -35.42 -9.00
C LYS A 121 -7.71 -34.07 -9.63
N GLY A 122 -6.66 -33.50 -10.20
CA GLY A 122 -6.72 -32.17 -10.78
C GLY A 122 -6.78 -31.01 -9.79
N VAL A 123 -6.40 -31.24 -8.54
CA VAL A 123 -6.23 -30.18 -7.57
C VAL A 123 -5.16 -29.23 -8.13
N LEU A 124 -5.32 -27.94 -7.89
CA LEU A 124 -4.45 -26.91 -8.47
C LEU A 124 -3.56 -26.22 -7.42
N LEU A 125 -2.27 -26.18 -7.65
CA LEU A 125 -1.37 -25.57 -6.69
C LEU A 125 -1.38 -24.04 -6.79
N GLU A 126 -1.50 -23.35 -5.64
CA GLU A 126 -1.23 -21.91 -5.56
C GLU A 126 -0.05 -21.66 -4.63
N LEU A 127 1.07 -21.27 -5.22
CA LEU A 127 2.31 -21.12 -4.50
C LEU A 127 2.32 -19.76 -3.90
N ASN A 128 2.39 -19.69 -2.57
CA ASN A 128 2.34 -18.43 -1.86
C ASN A 128 3.72 -17.78 -1.69
N LEU A 129 3.97 -16.69 -2.42
CA LEU A 129 5.26 -16.03 -2.36
C LEU A 129 5.17 -14.72 -1.60
N SER A 130 4.19 -14.57 -0.73
CA SER A 130 3.93 -13.25 -0.18
C SER A 130 3.37 -13.17 1.24
N CYS A 131 3.55 -14.18 2.09
CA CYS A 131 3.19 -14.01 3.54
C CYS A 131 4.03 -12.85 4.11
N PRO A 132 3.37 -11.72 4.48
CA PRO A 132 4.08 -10.60 5.11
C PRO A 132 4.27 -10.75 6.63
N ASN A 133 3.80 -11.87 7.22
CA ASN A 133 3.55 -11.97 8.69
C ASN A 133 4.43 -12.86 9.58
N VAL A 134 5.35 -13.61 8.99
CA VAL A 134 6.21 -14.48 9.81
C VAL A 134 7.50 -13.70 10.10
N PRO A 135 7.82 -13.48 11.41
CA PRO A 135 9.07 -12.79 11.80
C PRO A 135 10.34 -13.46 11.28
N GLY A 136 11.19 -12.62 10.69
CA GLY A 136 12.44 -13.05 10.09
C GLY A 136 12.32 -13.61 8.68
N LYS A 137 11.10 -13.66 8.16
CA LYS A 137 10.86 -14.28 6.84
C LYS A 137 10.15 -13.28 5.94
N PRO A 138 10.89 -12.23 5.47
CA PRO A 138 10.22 -11.26 4.61
C PRO A 138 9.70 -11.81 3.25
N GLN A 139 8.65 -11.18 2.74
CA GLN A 139 7.89 -11.62 1.58
C GLN A 139 8.84 -12.03 0.45
N VAL A 140 8.73 -13.28 -0.03
CA VAL A 140 9.66 -13.83 -1.02
C VAL A 140 9.73 -13.00 -2.28
N ALA A 141 8.54 -12.70 -2.78
CA ALA A 141 8.39 -12.03 -4.07
C ALA A 141 8.80 -10.54 -4.10
N TYR A 142 9.27 -9.99 -2.97
CA TYR A 142 9.97 -8.69 -2.98
C TYR A 142 11.49 -8.86 -3.08
N ASP A 143 11.92 -10.10 -3.23
CA ASP A 143 13.32 -10.40 -3.54
C ASP A 143 13.34 -11.23 -4.81
N PHE A 144 13.58 -10.55 -5.92
CA PHE A 144 13.46 -11.18 -7.23
C PHE A 144 14.38 -12.39 -7.42
N GLU A 145 15.59 -12.32 -6.90
CA GLU A 145 16.49 -13.47 -7.01
C GLU A 145 15.95 -14.69 -6.25
N ALA A 146 15.46 -14.48 -5.03
CA ALA A 146 14.76 -15.53 -4.27
C ALA A 146 13.54 -16.05 -4.99
N MET A 147 12.73 -15.15 -5.54
CA MET A 147 11.54 -15.53 -6.31
C MET A 147 11.93 -16.42 -7.51
N ARG A 148 12.95 -16.02 -8.26
CA ARG A 148 13.42 -16.85 -9.39
C ARG A 148 13.83 -18.23 -8.87
N THR A 149 14.56 -18.25 -7.75
CA THR A 149 15.04 -19.50 -7.23
C THR A 149 13.87 -20.42 -6.88
N TYR A 150 12.81 -19.87 -6.27
CA TYR A 150 11.67 -20.66 -5.83
C TYR A 150 10.93 -21.20 -7.02
N LEU A 151 10.80 -20.39 -8.06
CA LEU A 151 10.07 -20.80 -9.25
C LEU A 151 10.81 -21.85 -10.11
N GLN A 152 12.12 -21.68 -10.28
CA GLN A 152 13.01 -22.77 -10.85
C GLN A 152 12.87 -24.10 -10.12
N GLN A 153 13.02 -24.05 -8.79
CA GLN A 153 13.06 -25.27 -7.99
C GLN A 153 11.71 -26.00 -7.93
N VAL A 154 10.62 -25.24 -7.71
CA VAL A 154 9.26 -25.80 -7.69
C VAL A 154 8.86 -26.25 -9.08
N SER A 155 9.17 -25.48 -10.12
CA SER A 155 8.93 -25.92 -11.48
C SER A 155 9.57 -27.30 -11.78
N LEU A 156 10.83 -27.45 -11.36
CA LEU A 156 11.58 -28.68 -11.61
C LEU A 156 11.01 -29.85 -10.85
N ALA A 157 10.65 -29.59 -9.61
CA ALA A 157 10.15 -30.61 -8.70
C ALA A 157 8.71 -31.03 -8.96
N TYR A 158 7.91 -30.12 -9.52
CA TYR A 158 6.46 -30.35 -9.64
C TYR A 158 6.13 -30.74 -11.06
N GLY A 159 6.80 -30.09 -12.00
CA GLY A 159 6.65 -30.42 -13.39
C GLY A 159 5.24 -30.32 -13.93
N LEU A 160 4.32 -29.63 -13.23
CA LEU A 160 2.92 -29.55 -13.63
C LEU A 160 2.48 -28.07 -13.54
N PRO A 161 1.33 -27.71 -14.14
CA PRO A 161 0.80 -26.34 -14.06
C PRO A 161 0.50 -25.84 -12.64
N PHE A 162 0.93 -24.61 -12.34
CA PHE A 162 0.61 -23.97 -11.03
C PHE A 162 0.42 -22.46 -11.12
N GLY A 163 -0.02 -21.85 -10.04
CA GLY A 163 -0.11 -20.41 -9.97
C GLY A 163 0.67 -19.83 -8.83
N VAL A 164 0.75 -18.50 -8.81
CA VAL A 164 1.46 -17.81 -7.77
C VAL A 164 0.59 -16.73 -7.04
N LYS A 165 0.73 -16.62 -5.73
CA LYS A 165 0.07 -15.57 -4.98
C LYS A 165 1.09 -14.45 -4.71
N MET A 166 0.88 -13.30 -5.36
CA MET A 166 1.83 -12.24 -5.36
C MET A 166 1.47 -11.20 -4.32
N PRO A 167 2.50 -10.56 -3.75
CA PRO A 167 2.20 -9.43 -2.93
C PRO A 167 1.98 -8.23 -3.83
N PRO A 168 1.35 -7.18 -3.30
CA PRO A 168 1.19 -5.97 -4.15
C PRO A 168 2.51 -5.25 -4.43
N TYR A 169 2.69 -4.72 -5.64
CA TYR A 169 3.77 -3.77 -5.85
C TYR A 169 3.22 -2.35 -6.04
N PHE A 170 4.12 -1.38 -5.95
CA PHE A 170 3.77 0.05 -5.91
C PHE A 170 4.67 0.92 -6.81
N ASP A 171 5.41 0.26 -7.71
CA ASP A 171 6.40 0.91 -8.56
C ASP A 171 6.50 0.15 -9.89
N ILE A 172 6.55 0.91 -10.99
CA ILE A 172 6.49 0.36 -12.33
C ILE A 172 7.68 -0.56 -12.61
N ALA A 173 8.86 -0.19 -12.17
CA ALA A 173 10.05 -1.02 -12.41
C ALA A 173 9.86 -2.40 -11.76
N HIS A 174 9.31 -2.41 -10.55
CA HIS A 174 8.95 -3.68 -9.88
C HIS A 174 7.91 -4.51 -10.63
N PHE A 175 6.89 -3.87 -11.18
CA PHE A 175 5.95 -4.58 -12.02
C PHE A 175 6.72 -5.20 -13.18
N ASP A 176 7.61 -4.40 -13.79
CA ASP A 176 8.35 -4.85 -14.94
C ASP A 176 9.22 -6.08 -14.58
N THR A 177 10.00 -5.97 -13.51
CA THR A 177 10.91 -7.03 -13.15
C THR A 177 10.09 -8.27 -12.76
N ALA A 178 9.10 -8.09 -11.87
CA ALA A 178 8.26 -9.21 -11.38
C ALA A 178 7.58 -9.98 -12.49
N ALA A 179 6.90 -9.27 -13.39
CA ALA A 179 6.26 -9.96 -14.54
C ALA A 179 7.26 -10.66 -15.49
N ALA A 180 8.46 -10.10 -15.67
CA ALA A 180 9.51 -10.76 -16.46
C ALA A 180 10.09 -12.00 -15.77
N VAL A 181 10.21 -11.98 -14.43
CA VAL A 181 10.55 -13.20 -13.70
C VAL A 181 9.48 -14.25 -13.96
N LEU A 182 8.23 -13.94 -13.69
CA LEU A 182 7.13 -14.89 -13.95
C LEU A 182 7.19 -15.42 -15.33
N ASN A 183 7.41 -14.53 -16.28
CA ASN A 183 7.32 -14.91 -17.69
C ASN A 183 8.44 -15.87 -18.10
N GLU A 184 9.47 -15.97 -17.27
CA GLU A 184 10.48 -16.99 -17.45
C GLU A 184 9.93 -18.41 -17.23
N PHE A 185 8.71 -18.58 -16.69
CA PHE A 185 8.22 -19.92 -16.28
C PHE A 185 6.93 -20.34 -16.93
N PRO A 186 7.02 -21.22 -17.93
CA PRO A 186 5.80 -21.62 -18.69
C PRO A 186 4.78 -22.36 -17.87
N LEU A 187 5.24 -22.99 -16.78
CA LEU A 187 4.34 -23.78 -15.92
C LEU A 187 3.49 -22.92 -14.95
N VAL A 188 3.92 -21.69 -14.70
CA VAL A 188 3.11 -20.71 -13.99
C VAL A 188 1.96 -20.28 -14.88
N LYS A 189 0.77 -20.81 -14.65
CA LYS A 189 -0.37 -20.53 -15.51
C LYS A 189 -1.23 -19.39 -15.00
N PHE A 190 -1.15 -19.12 -13.71
CA PHE A 190 -2.00 -18.07 -13.16
C PHE A 190 -1.26 -17.25 -12.11
N VAL A 191 -1.65 -16.01 -11.97
CA VAL A 191 -1.03 -15.15 -10.98
C VAL A 191 -2.16 -14.51 -10.20
N THR A 192 -2.13 -14.67 -8.87
CA THR A 192 -3.14 -14.10 -7.99
C THR A 192 -2.63 -12.80 -7.39
N CYS A 193 -3.26 -11.70 -7.76
CA CYS A 193 -2.89 -10.37 -7.30
C CYS A 193 -4.13 -9.84 -6.55
N VAL A 194 -4.05 -9.57 -5.24
CA VAL A 194 -2.85 -9.52 -4.43
C VAL A 194 -3.06 -10.13 -3.05
N ASN A 195 -1.93 -10.38 -2.37
CA ASN A 195 -1.93 -10.71 -0.95
C ASN A 195 -2.19 -9.41 -0.19
N SER A 196 -2.14 -9.47 1.14
CA SER A 196 -2.51 -8.29 1.90
C SER A 196 -1.40 -7.28 1.76
N VAL A 197 -1.77 -6.03 1.90
CA VAL A 197 -0.80 -4.95 1.87
C VAL A 197 -0.07 -4.98 3.21
N GLY A 198 1.24 -5.21 3.11
CA GLY A 198 2.05 -5.65 4.21
C GLY A 198 2.29 -4.59 5.25
N ASN A 199 2.23 -5.04 6.49
CA ASN A 199 2.71 -4.32 7.63
C ASN A 199 2.13 -2.94 7.76
N GLY A 200 0.80 -2.90 7.76
CA GLY A 200 0.07 -1.74 8.18
C GLY A 200 0.08 -1.75 9.70
N LEU A 201 -0.42 -0.65 10.25
CA LEU A 201 -0.54 -0.51 11.67
C LEU A 201 -1.85 0.19 12.01
N VAL A 202 -2.75 -0.52 12.70
CA VAL A 202 -4.00 0.06 13.20
C VAL A 202 -3.90 0.33 14.69
N ILE A 203 -4.29 1.55 15.08
CA ILE A 203 -4.24 2.03 16.44
C ILE A 203 -5.63 2.44 16.94
N ASP A 204 -5.98 2.04 18.14
CA ASP A 204 -7.24 2.41 18.75
C ASP A 204 -7.06 3.73 19.55
N ALA A 205 -7.75 4.76 19.08
CA ALA A 205 -7.70 6.02 19.73
C ALA A 205 -8.06 6.03 21.26
N GLU A 206 -9.17 5.40 21.66
CA GLU A 206 -9.58 5.44 23.07
C GLU A 206 -8.58 4.79 23.99
N SER A 207 -8.08 3.61 23.59
CA SER A 207 -7.13 2.84 24.37
C SER A 207 -5.65 3.15 24.11
N GLU A 208 -5.36 3.88 23.04
CA GLU A 208 -3.98 4.28 22.69
C GLU A 208 -3.06 3.10 22.42
N SER A 209 -3.67 2.06 21.89
CA SER A 209 -3.05 0.79 21.69
C SER A 209 -3.22 0.21 20.27
N VAL A 210 -2.22 -0.52 19.81
CA VAL A 210 -2.37 -1.38 18.64
C VAL A 210 -3.43 -2.43 18.92
N VAL A 211 -4.01 -3.01 17.88
CA VAL A 211 -5.18 -3.83 18.04
C VAL A 211 -4.90 -5.33 17.85
N ILE A 212 -3.74 -5.66 17.23
CA ILE A 212 -3.27 -7.02 17.22
C ILE A 212 -1.98 -7.15 18.04
N LYS A 213 -1.78 -8.33 18.61
CA LYS A 213 -0.68 -8.57 19.51
C LYS A 213 0.68 -8.89 18.88
N PRO A 214 0.71 -9.73 17.81
CA PRO A 214 2.01 -10.03 17.24
C PRO A 214 2.68 -8.82 16.55
N LYS A 215 4.01 -8.89 16.44
CA LYS A 215 4.81 -7.94 15.73
C LYS A 215 4.56 -6.47 16.05
N GLN A 216 4.37 -6.17 17.33
CA GLN A 216 4.08 -4.83 17.84
C GLN A 216 2.90 -4.11 17.13
N GLY A 217 1.91 -4.93 16.77
CA GLY A 217 0.69 -4.49 16.15
C GLY A 217 0.73 -4.43 14.62
N PHE A 218 1.88 -4.75 14.01
CA PHE A 218 2.06 -4.66 12.56
C PHE A 218 1.48 -5.88 11.88
N GLY A 219 0.63 -5.70 10.87
CA GLY A 219 0.02 -6.82 10.10
C GLY A 219 -0.41 -6.43 8.68
N GLY A 220 -0.81 -7.44 7.91
CA GLY A 220 -1.34 -7.22 6.58
C GLY A 220 -2.76 -6.64 6.52
N LEU A 221 -2.95 -5.68 5.61
CA LEU A 221 -4.24 -5.02 5.43
C LEU A 221 -5.02 -5.63 4.27
N GLY A 222 -6.32 -5.82 4.47
CA GLY A 222 -7.25 -6.24 3.42
C GLY A 222 -8.46 -5.35 3.48
N GLY A 223 -9.41 -5.54 2.55
CA GLY A 223 -10.63 -4.77 2.51
C GLY A 223 -10.63 -3.49 1.67
N LYS A 224 -11.45 -2.52 2.07
CA LYS A 224 -11.66 -1.32 1.26
C LYS A 224 -10.39 -0.49 1.10
N TYR A 225 -9.47 -0.61 2.05
CA TYR A 225 -8.21 0.08 1.95
C TYR A 225 -7.45 -0.31 0.72
N ILE A 226 -7.60 -1.52 0.21
CA ILE A 226 -6.64 -2.00 -0.78
C ILE A 226 -7.20 -2.20 -2.18
N LEU A 227 -8.47 -1.91 -2.40
CA LEU A 227 -9.06 -2.16 -3.71
C LEU A 227 -8.28 -1.48 -4.85
N PRO A 228 -7.95 -0.21 -4.68
CA PRO A 228 -7.26 0.40 -5.82
C PRO A 228 -5.86 -0.18 -6.04
N THR A 229 -5.19 -0.52 -4.96
CA THR A 229 -3.92 -1.25 -5.06
C THR A 229 -4.08 -2.59 -5.75
N ALA A 230 -5.13 -3.33 -5.41
CA ALA A 230 -5.34 -4.66 -6.02
C ALA A 230 -5.62 -4.54 -7.52
N LEU A 231 -6.49 -3.61 -7.87
CA LEU A 231 -6.82 -3.37 -9.27
C LEU A 231 -5.59 -3.06 -10.10
N ALA A 232 -4.74 -2.17 -9.58
CA ALA A 232 -3.50 -1.80 -10.25
C ALA A 232 -2.60 -3.01 -10.47
N ASN A 233 -2.54 -3.87 -9.47
CA ASN A 233 -1.68 -5.03 -9.63
C ASN A 233 -2.25 -6.02 -10.63
N VAL A 234 -3.56 -6.28 -10.52
CA VAL A 234 -4.25 -7.17 -11.45
C VAL A 234 -3.96 -6.61 -12.87
N ASN A 235 -4.28 -5.33 -13.10
CA ASN A 235 -4.12 -4.79 -14.44
C ASN A 235 -2.69 -4.80 -14.90
N ALA A 236 -1.76 -4.52 -13.99
CA ALA A 236 -0.36 -4.46 -14.36
C ALA A 236 0.15 -5.80 -14.88
N PHE A 237 -0.23 -6.87 -14.19
CA PHE A 237 0.18 -8.23 -14.59
C PHE A 237 -0.61 -8.75 -15.76
N TYR A 238 -1.85 -8.27 -15.91
CA TYR A 238 -2.66 -8.68 -17.03
C TYR A 238 -2.04 -8.18 -18.34
N ARG A 239 -1.59 -6.92 -18.33
CA ARG A 239 -0.92 -6.35 -19.51
C ARG A 239 0.45 -7.00 -19.70
N ARG A 240 1.19 -7.24 -18.61
CA ARG A 240 2.53 -7.76 -18.76
C ARG A 240 2.60 -9.27 -18.92
N CYS A 241 1.52 -10.01 -18.70
CA CYS A 241 1.56 -11.47 -18.83
C CYS A 241 0.49 -11.90 -19.79
N PRO A 242 0.69 -11.60 -21.09
CA PRO A 242 -0.38 -11.94 -22.02
C PRO A 242 -0.71 -13.44 -22.10
N ASP A 243 0.24 -14.31 -21.84
CA ASP A 243 0.00 -15.74 -21.90
C ASP A 243 -0.36 -16.42 -20.56
N LYS A 244 -0.62 -15.66 -19.51
CA LYS A 244 -1.08 -16.26 -18.24
C LYS A 244 -2.48 -15.72 -17.89
N LEU A 245 -3.13 -16.39 -16.96
CA LEU A 245 -4.32 -15.88 -16.32
C LEU A 245 -3.92 -15.07 -15.09
N VAL A 246 -4.67 -14.00 -14.84
CA VAL A 246 -4.57 -13.23 -13.59
C VAL A 246 -5.85 -13.46 -12.75
N PHE A 247 -5.66 -13.76 -11.45
CA PHE A 247 -6.78 -13.92 -10.51
C PHE A 247 -6.71 -12.70 -9.64
N GLY A 248 -7.83 -11.98 -9.51
CA GLY A 248 -7.93 -10.79 -8.69
C GLY A 248 -8.34 -11.09 -7.27
N CYS A 249 -7.65 -10.46 -6.31
CA CYS A 249 -8.00 -10.55 -4.90
C CYS A 249 -7.67 -9.22 -4.30
N GLY A 250 -8.59 -8.68 -3.51
CA GLY A 250 -8.35 -7.51 -2.70
C GLY A 250 -9.50 -6.55 -2.79
N GLY A 251 -10.21 -6.32 -1.69
CA GLY A 251 -11.21 -5.28 -1.63
C GLY A 251 -12.54 -5.60 -2.30
N VAL A 252 -12.89 -6.88 -2.43
CA VAL A 252 -14.17 -7.26 -3.02
C VAL A 252 -15.21 -7.40 -1.93
N TYR A 253 -16.22 -6.53 -2.01
CA TYR A 253 -17.38 -6.51 -1.10
C TYR A 253 -18.69 -6.62 -1.87
N SER A 254 -18.70 -6.26 -3.17
CA SER A 254 -19.89 -6.30 -4.01
C SER A 254 -19.61 -6.76 -5.45
N GLY A 255 -20.70 -6.98 -6.20
CA GLY A 255 -20.60 -7.33 -7.63
C GLY A 255 -19.91 -6.25 -8.46
N GLU A 256 -20.09 -5.01 -8.06
CA GLU A 256 -19.38 -3.90 -8.69
C GLU A 256 -17.88 -4.04 -8.52
N ASP A 257 -17.43 -4.37 -7.31
CA ASP A 257 -16.00 -4.47 -7.07
C ASP A 257 -15.45 -5.64 -7.90
N ALA A 258 -16.25 -6.71 -8.03
CA ALA A 258 -15.88 -7.84 -8.91
C ALA A 258 -15.83 -7.45 -10.40
N PHE A 259 -16.83 -6.68 -10.81
CA PHE A 259 -16.88 -6.19 -12.19
C PHE A 259 -15.60 -5.40 -12.50
N LEU A 260 -15.17 -4.57 -11.57
CA LEU A 260 -13.95 -3.80 -11.79
C LEU A 260 -12.67 -4.67 -11.83
N HIS A 261 -12.59 -5.68 -10.97
CA HIS A 261 -11.46 -6.62 -11.03
C HIS A 261 -11.41 -7.31 -12.40
N ILE A 262 -12.57 -7.70 -12.90
CA ILE A 262 -12.64 -8.41 -14.17
C ILE A 262 -12.30 -7.47 -15.31
N LEU A 263 -12.81 -6.24 -15.21
CA LEU A 263 -12.45 -5.20 -16.17
C LEU A 263 -10.94 -4.98 -16.19
N ALA A 264 -10.31 -5.09 -15.02
CA ALA A 264 -8.87 -4.87 -14.92
C ALA A 264 -8.07 -6.05 -15.49
N GLY A 265 -8.75 -7.19 -15.67
CA GLY A 265 -8.12 -8.40 -16.16
C GLY A 265 -8.40 -9.72 -15.44
N ALA A 266 -9.22 -9.71 -14.40
CA ALA A 266 -9.38 -10.88 -13.55
C ALA A 266 -10.18 -11.99 -14.21
N SER A 267 -9.63 -13.19 -14.17
CA SER A 267 -10.36 -14.37 -14.61
C SER A 267 -11.17 -14.90 -13.45
N MET A 268 -10.53 -15.16 -12.31
CA MET A 268 -11.24 -15.45 -11.05
C MET A 268 -11.13 -14.23 -10.13
N VAL A 269 -12.05 -14.16 -9.17
CA VAL A 269 -12.11 -13.07 -8.24
C VAL A 269 -12.20 -13.71 -6.87
N GLN A 270 -11.27 -13.37 -6.02
CA GLN A 270 -11.21 -13.95 -4.69
C GLN A 270 -11.72 -12.99 -3.64
N VAL A 271 -12.27 -13.53 -2.57
CA VAL A 271 -12.86 -12.69 -1.57
C VAL A 271 -12.32 -13.10 -0.19
N GLY A 272 -11.67 -12.16 0.49
CA GLY A 272 -11.10 -12.38 1.78
C GLY A 272 -11.87 -11.72 2.90
N THR A 273 -11.49 -10.50 3.21
CA THR A 273 -12.07 -9.75 4.34
C THR A 273 -13.62 -9.73 4.30
N ALA A 274 -14.22 -9.49 3.14
CA ALA A 274 -15.68 -9.37 3.09
C ALA A 274 -16.36 -10.73 3.41
N LEU A 275 -15.70 -11.83 3.06
CA LEU A 275 -16.19 -13.17 3.35
C LEU A 275 -15.99 -13.51 4.84
N GLN A 276 -14.86 -13.14 5.38
CA GLN A 276 -14.63 -13.27 6.80
C GLN A 276 -15.68 -12.54 7.65
N GLU A 277 -16.12 -11.38 7.22
CA GLU A 277 -17.09 -10.62 7.98
C GLU A 277 -18.53 -11.04 7.71
N GLU A 278 -18.86 -11.35 6.46
CA GLU A 278 -20.26 -11.64 6.09
C GLU A 278 -20.59 -13.13 6.12
N GLY A 279 -19.61 -14.00 5.95
CA GLY A 279 -19.88 -15.41 5.80
C GLY A 279 -20.15 -15.82 4.34
N PRO A 280 -20.29 -17.11 4.11
CA PRO A 280 -20.47 -17.68 2.77
C PRO A 280 -21.75 -17.31 2.02
N GLY A 281 -22.74 -16.76 2.67
CA GLY A 281 -23.86 -16.19 1.96
C GLY A 281 -23.50 -15.13 0.93
N ILE A 282 -22.30 -14.54 1.11
CA ILE A 282 -21.85 -13.41 0.31
C ILE A 282 -21.79 -13.82 -1.12
N PHE A 283 -21.44 -15.10 -1.33
CA PHE A 283 -21.27 -15.60 -2.69
C PHE A 283 -22.55 -15.46 -3.52
N THR A 284 -23.74 -15.68 -2.94
CA THR A 284 -24.97 -15.52 -3.71
C THR A 284 -25.26 -14.07 -3.99
N ARG A 285 -25.01 -13.21 -3.02
CA ARG A 285 -25.14 -11.78 -3.28
C ARG A 285 -24.21 -11.28 -4.39
N LEU A 286 -22.95 -11.68 -4.34
CA LEU A 286 -21.99 -11.22 -5.33
C LEU A 286 -22.40 -11.67 -6.72
N GLU A 287 -22.86 -12.90 -6.84
CA GLU A 287 -23.34 -13.39 -8.16
C GLU A 287 -24.53 -12.58 -8.73
N ASP A 288 -25.55 -12.34 -7.90
CA ASP A 288 -26.73 -11.59 -8.31
C ASP A 288 -26.32 -10.16 -8.68
N GLU A 289 -25.41 -9.57 -7.91
CA GLU A 289 -25.02 -8.18 -8.19
C GLU A 289 -24.27 -8.10 -9.53
N LEU A 290 -23.32 -9.02 -9.74
CA LEU A 290 -22.53 -9.02 -10.96
C LEU A 290 -23.41 -9.26 -12.21
N LEU A 291 -24.32 -10.24 -12.12
CA LEU A 291 -25.30 -10.49 -13.17
C LEU A 291 -26.23 -9.30 -13.44
N GLU A 292 -26.63 -8.58 -12.39
CA GLU A 292 -27.44 -7.36 -12.57
C GLU A 292 -26.65 -6.29 -13.38
N ILE A 293 -25.37 -6.09 -13.03
CA ILE A 293 -24.52 -5.14 -13.73
C ILE A 293 -24.29 -5.53 -15.20
N MET A 294 -24.04 -6.82 -15.44
CA MET A 294 -23.91 -7.33 -16.79
C MET A 294 -25.16 -7.05 -17.63
N ALA A 295 -26.33 -7.37 -17.09
CA ALA A 295 -27.61 -7.17 -17.82
C ALA A 295 -27.89 -5.70 -18.14
N ARG A 296 -27.73 -4.83 -17.16
CA ARG A 296 -27.93 -3.42 -17.41
C ARG A 296 -26.96 -2.88 -18.48
N LYS A 297 -25.79 -3.51 -18.63
CA LYS A 297 -24.82 -3.03 -19.60
C LYS A 297 -24.85 -3.78 -20.95
N GLY A 298 -25.66 -4.82 -21.02
CA GLY A 298 -25.78 -5.63 -22.23
C GLY A 298 -24.66 -6.63 -22.37
N TYR A 299 -23.96 -6.97 -21.30
CA TYR A 299 -22.97 -8.04 -21.40
C TYR A 299 -23.57 -9.43 -21.15
N ARG A 300 -23.21 -10.41 -21.97
CA ARG A 300 -23.70 -11.80 -21.81
C ARG A 300 -22.62 -12.70 -21.24
N THR A 301 -21.37 -12.34 -21.50
CA THR A 301 -20.25 -13.12 -20.98
C THR A 301 -19.25 -12.24 -20.23
N LEU A 302 -18.44 -12.90 -19.39
CA LEU A 302 -17.29 -12.26 -18.77
C LEU A 302 -16.25 -11.86 -19.83
N GLU A 303 -16.12 -12.67 -20.87
CA GLU A 303 -15.04 -12.51 -21.80
C GLU A 303 -15.23 -11.24 -22.62
N GLU A 304 -16.44 -10.72 -22.65
CA GLU A 304 -16.72 -9.46 -23.34
C GLU A 304 -16.08 -8.25 -22.68
N PHE A 305 -15.97 -8.25 -21.35
CA PHE A 305 -15.35 -7.09 -20.72
C PHE A 305 -14.08 -7.37 -19.95
N ARG A 306 -13.60 -8.60 -19.97
CA ARG A 306 -12.42 -8.93 -19.19
C ARG A 306 -11.27 -8.21 -19.80
N GLY A 307 -10.56 -7.45 -18.96
CA GLY A 307 -9.39 -6.71 -19.36
C GLY A 307 -9.68 -5.50 -20.26
N ARG A 308 -10.94 -5.14 -20.42
CA ARG A 308 -11.30 -4.06 -21.36
C ARG A 308 -11.52 -2.70 -20.68
N VAL A 309 -10.90 -2.51 -19.51
CA VAL A 309 -10.87 -1.20 -18.89
C VAL A 309 -10.37 -0.18 -19.90
N LYS A 310 -11.01 0.97 -20.00
CA LYS A 310 -10.53 1.96 -20.95
C LYS A 310 -9.58 2.96 -20.33
N THR A 311 -8.62 3.41 -21.13
CA THR A 311 -7.74 4.47 -20.72
C THR A 311 -8.16 5.75 -21.44
N ILE A 312 -7.64 6.87 -20.99
CA ILE A 312 -7.95 8.16 -21.65
C ILE A 312 -6.83 8.51 -22.65
N GLU A 313 -7.22 8.78 -23.89
CA GLU A 313 -6.31 9.01 -25.03
C GLU A 313 -5.18 7.98 -25.11
N MET B 1 -3.47 24.03 28.46
CA MET B 1 -3.56 23.12 27.27
C MET B 1 -3.10 23.77 25.97
N CYS B 2 -2.37 23.00 25.19
CA CYS B 2 -1.28 23.58 24.43
C CYS B 2 -0.83 22.70 23.27
N LEU B 3 -0.92 23.22 22.05
CA LEU B 3 -0.46 22.48 20.84
C LEU B 3 0.94 22.89 20.37
N LYS B 4 1.56 23.81 21.10
CA LYS B 4 2.80 24.44 20.65
C LYS B 4 3.98 23.48 20.69
N LEU B 5 4.89 23.63 19.73
CA LEU B 5 6.13 22.89 19.74
C LEU B 5 7.27 23.76 19.31
N ASN B 6 8.44 23.37 19.78
CA ASN B 6 9.67 24.05 19.52
C ASN B 6 10.55 22.94 19.00
N LEU B 7 10.87 22.94 17.70
CA LEU B 7 11.75 21.94 17.12
C LEU B 7 12.57 22.47 15.94
N LEU B 8 13.65 21.76 15.62
CA LEU B 8 14.63 22.20 14.62
C LEU B 8 14.98 23.70 14.74
N ASP B 9 15.08 24.19 15.97
CA ASP B 9 15.36 25.58 16.24
C ASP B 9 14.30 26.55 15.74
N HIS B 10 13.08 26.06 15.63
CA HIS B 10 11.96 26.87 15.24
C HIS B 10 10.86 26.68 16.24
N VAL B 11 9.99 27.67 16.33
CA VAL B 11 8.80 27.58 17.16
C VAL B 11 7.56 27.43 16.27
N PHE B 12 6.61 26.63 16.71
CA PHE B 12 5.43 26.26 15.89
C PHE B 12 4.22 26.38 16.80
N ALA B 13 3.24 27.16 16.37
CA ALA B 13 2.01 27.29 17.16
C ALA B 13 1.29 25.92 17.33
N ASN B 14 1.43 25.02 16.37
CA ASN B 14 0.72 23.75 16.39
C ASN B 14 1.41 22.86 15.37
N PRO B 15 1.14 21.54 15.38
CA PRO B 15 1.91 20.61 14.54
C PRO B 15 1.45 20.45 13.10
N PHE B 16 0.42 21.20 12.71
CA PHE B 16 -0.23 20.97 11.41
C PHE B 16 0.39 21.81 10.36
N MET B 17 0.53 21.18 9.19
CA MET B 17 0.99 21.83 8.00
C MET B 17 0.35 21.15 6.78
N ASN B 18 0.47 21.76 5.62
CA ASN B 18 0.08 21.09 4.40
C ASN B 18 1.14 20.00 4.07
N ALA B 19 0.71 19.00 3.32
CA ALA B 19 1.57 18.05 2.67
C ALA B 19 2.09 18.66 1.42
N ALA B 20 3.35 18.36 1.11
CA ALA B 20 3.93 18.98 -0.08
C ALA B 20 3.08 18.64 -1.30
N GLY B 21 2.81 19.66 -2.09
CA GLY B 21 2.04 19.46 -3.30
C GLY B 21 0.63 20.03 -3.26
N VAL B 22 0.08 20.12 -2.06
CA VAL B 22 -1.28 20.60 -1.85
C VAL B 22 -1.25 22.06 -1.38
N LEU B 23 -1.92 22.90 -2.15
CA LEU B 23 -2.04 24.30 -1.87
C LEU B 23 -0.68 25.01 -1.67
N CYS B 24 0.26 24.80 -2.57
CA CYS B 24 1.57 25.40 -2.39
C CYS B 24 2.43 25.57 -3.67
N SER B 25 1.82 25.57 -4.86
CA SER B 25 2.55 25.76 -6.12
C SER B 25 2.76 27.21 -6.45
N THR B 26 1.77 28.04 -6.11
CA THR B 26 1.85 29.49 -6.48
C THR B 26 2.06 30.40 -5.28
N GLU B 27 2.45 31.65 -5.57
CA GLU B 27 2.52 32.68 -4.53
C GLU B 27 1.14 32.84 -3.82
N GLU B 28 0.07 32.76 -4.63
CA GLU B 28 -1.27 32.80 -4.13
C GLU B 28 -1.49 31.67 -3.12
N ASP B 29 -1.17 30.44 -3.53
CA ASP B 29 -1.32 29.28 -2.66
C ASP B 29 -0.51 29.51 -1.40
N LEU B 30 0.74 29.97 -1.56
CA LEU B 30 1.65 30.14 -0.43
C LEU B 30 1.19 31.25 0.52
N ARG B 31 0.61 32.30 0.01
CA ARG B 31 0.03 33.28 0.90
C ARG B 31 -1.18 32.75 1.67
N CYS B 32 -2.01 31.95 1.00
CA CYS B 32 -3.18 31.38 1.62
C CYS B 32 -2.76 30.47 2.78
N MET B 33 -1.77 29.58 2.54
CA MET B 33 -1.29 28.72 3.60
C MET B 33 -0.69 29.52 4.77
N THR B 34 -0.08 30.64 4.45
CA THR B 34 0.53 31.46 5.48
C THR B 34 -0.55 32.14 6.31
N ALA B 35 -1.64 32.54 5.66
CA ALA B 35 -2.79 33.13 6.37
C ALA B 35 -3.70 32.10 7.12
N SER B 36 -3.55 30.80 6.85
CA SER B 36 -4.27 29.76 7.58
C SER B 36 -3.76 29.62 9.02
N SER B 37 -4.47 28.80 9.80
CA SER B 37 -4.07 28.51 11.18
C SER B 37 -3.01 27.43 11.28
N SER B 38 -2.50 26.95 10.16
CA SER B 38 -1.47 25.92 10.20
C SER B 38 -0.27 26.41 10.98
N GLY B 39 0.41 25.48 11.63
CA GLY B 39 1.67 25.81 12.32
C GLY B 39 2.85 26.03 11.39
N ALA B 40 2.72 25.62 10.14
CA ALA B 40 3.77 25.76 9.17
C ALA B 40 3.24 25.50 7.76
N LEU B 41 4.13 25.61 6.78
CA LEU B 41 3.84 25.24 5.42
C LEU B 41 5.07 24.69 4.71
N VAL B 42 4.84 23.87 3.68
CA VAL B 42 5.89 23.41 2.78
C VAL B 42 5.50 23.79 1.34
N SER B 43 6.47 24.19 0.54
CA SER B 43 6.17 24.52 -0.87
C SER B 43 6.10 23.26 -1.75
N LYS B 44 5.49 23.40 -2.92
CA LYS B 44 5.47 22.37 -3.95
C LYS B 44 6.86 21.85 -4.25
N SER B 45 7.00 20.53 -4.31
CA SER B 45 8.27 19.92 -4.72
C SER B 45 8.64 20.52 -6.06
N CYS B 46 9.87 21.01 -6.19
CA CYS B 46 10.30 21.80 -7.38
C CYS B 46 11.48 21.24 -8.13
N THR B 47 11.58 21.63 -9.39
CA THR B 47 12.74 21.26 -10.24
C THR B 47 13.50 22.51 -10.64
N SER B 48 14.64 22.35 -11.30
CA SER B 48 15.47 23.48 -11.66
C SER B 48 14.72 24.40 -12.60
N ALA B 49 14.09 23.79 -13.60
CA ALA B 49 13.31 24.54 -14.57
C ALA B 49 11.82 24.35 -14.27
N PRO B 50 10.99 25.33 -14.66
CA PRO B 50 9.53 25.13 -14.52
C PRO B 50 9.04 23.90 -15.26
N ARG B 51 7.94 23.31 -14.80
CA ARG B 51 7.33 22.11 -15.39
C ARG B 51 5.83 22.27 -15.45
N ASP B 52 5.24 21.80 -16.57
CA ASP B 52 3.80 21.88 -16.78
C ASP B 52 3.14 20.69 -16.10
N GLY B 53 3.88 19.59 -15.93
CA GLY B 53 3.33 18.34 -15.51
C GLY B 53 2.59 17.56 -16.58
N ASN B 54 1.77 16.64 -16.11
CA ASN B 54 1.08 15.70 -16.93
C ASN B 54 -0.23 16.29 -17.42
N PRO B 55 -0.82 15.68 -18.46
CA PRO B 55 -2.13 16.15 -18.92
C PRO B 55 -3.27 15.87 -17.94
N GLU B 56 -4.30 16.71 -18.00
CA GLU B 56 -5.51 16.56 -17.22
C GLU B 56 -6.51 15.62 -17.90
N PRO B 57 -7.34 14.92 -17.11
CA PRO B 57 -7.40 14.95 -15.65
C PRO B 57 -6.20 14.20 -15.03
N ARG B 58 -5.62 14.77 -13.96
CA ARG B 58 -4.47 14.18 -13.26
C ARG B 58 -4.61 14.10 -11.72
N TYR B 59 -5.73 14.58 -11.17
CA TYR B 59 -6.06 14.33 -9.78
C TYR B 59 -7.54 14.04 -9.65
N MET B 60 -7.92 13.09 -8.82
CA MET B 60 -9.33 12.85 -8.53
C MET B 60 -9.53 12.37 -7.10
N ALA B 61 -10.58 12.87 -6.50
CA ALA B 61 -10.87 12.58 -5.10
C ALA B 61 -12.17 11.81 -4.98
N PHE B 62 -12.27 11.03 -3.91
CA PHE B 62 -13.39 10.12 -3.71
C PHE B 62 -13.66 10.05 -2.20
N PRO B 63 -14.79 9.49 -1.79
CA PRO B 63 -15.02 9.42 -0.33
C PRO B 63 -13.80 8.87 0.48
N LEU B 64 -13.06 7.92 -0.07
CA LEU B 64 -12.00 7.28 0.68
C LEU B 64 -10.63 7.77 0.29
N GLY B 65 -10.54 8.77 -0.57
CA GLY B 65 -9.26 9.45 -0.77
C GLY B 65 -9.03 9.89 -2.17
N SER B 66 -7.77 9.88 -2.59
CA SER B 66 -7.42 10.47 -3.86
C SER B 66 -6.39 9.67 -4.63
N ILE B 67 -6.35 9.88 -5.93
CA ILE B 67 -5.30 9.36 -6.78
C ILE B 67 -4.74 10.53 -7.59
N ASN B 68 -3.41 10.54 -7.80
CA ASN B 68 -2.85 11.59 -8.61
C ASN B 68 -1.63 11.15 -9.34
N SER B 69 -1.45 11.75 -10.50
CA SER B 69 -0.23 11.66 -11.25
C SER B 69 -0.02 13.02 -11.89
N MET B 70 0.28 13.99 -11.01
CA MET B 70 0.46 15.38 -11.39
C MET B 70 1.62 15.51 -12.38
N GLY B 71 2.69 14.76 -12.11
CA GLY B 71 3.94 14.86 -12.87
C GLY B 71 4.83 16.04 -12.52
N LEU B 72 4.80 16.43 -11.26
CA LEU B 72 5.71 17.43 -10.72
C LEU B 72 5.54 18.79 -11.42
N PRO B 73 4.28 19.21 -11.66
CA PRO B 73 4.22 20.61 -12.11
C PRO B 73 4.69 21.57 -11.04
N ASN B 74 5.57 22.47 -11.43
CA ASN B 74 5.97 23.53 -10.52
C ASN B 74 6.54 24.73 -11.26
N LEU B 75 6.63 25.86 -10.54
CA LEU B 75 7.07 27.14 -11.09
C LEU B 75 8.59 27.28 -11.24
N GLY B 76 9.33 26.27 -10.79
CA GLY B 76 10.77 26.23 -10.95
C GLY B 76 11.44 26.65 -9.68
N PHE B 77 12.61 26.10 -9.47
CA PHE B 77 13.37 26.39 -8.24
C PHE B 77 13.62 27.88 -8.03
N ASP B 78 13.83 28.65 -9.10
CA ASP B 78 14.06 30.06 -8.89
C ASP B 78 12.91 30.73 -8.18
N PHE B 79 11.70 30.33 -8.53
CA PHE B 79 10.55 30.91 -7.89
C PHE B 79 10.48 30.57 -6.40
N TYR B 80 10.67 29.32 -6.02
CA TYR B 80 10.51 28.94 -4.58
C TYR B 80 11.62 29.49 -3.71
N LEU B 81 12.82 29.59 -4.28
CA LEU B 81 13.93 30.24 -3.60
C LEU B 81 13.64 31.71 -3.30
N LYS B 82 13.18 32.42 -4.32
CA LYS B 82 12.87 33.83 -4.20
C LYS B 82 11.75 34.00 -3.20
N TYR B 83 10.77 33.09 -3.24
CA TYR B 83 9.72 33.13 -2.23
C TYR B 83 10.27 33.04 -0.79
N ALA B 84 11.16 32.08 -0.57
CA ALA B 84 11.82 31.93 0.74
C ALA B 84 12.70 33.11 1.08
N SER B 85 13.32 33.69 0.06
CA SER B 85 14.31 34.71 0.24
C SER B 85 13.70 36.06 0.60
N ASP B 86 12.72 36.47 -0.22
CA ASP B 86 12.25 37.83 -0.23
C ASP B 86 10.77 37.98 0.10
N LEU B 87 9.97 36.94 -0.13
CA LEU B 87 8.51 37.08 0.02
C LEU B 87 7.98 36.53 1.34
N HIS B 88 8.50 35.39 1.82
CA HIS B 88 7.85 34.74 2.98
C HIS B 88 7.97 35.52 4.32
N ASP B 89 6.90 35.50 5.11
CA ASP B 89 6.92 36.17 6.40
C ASP B 89 7.11 35.14 7.50
N TYR B 90 8.37 34.99 7.87
CA TYR B 90 8.80 34.09 8.91
C TYR B 90 8.29 34.46 10.29
N SER B 91 7.82 35.70 10.46
CA SER B 91 7.13 36.10 11.70
C SER B 91 5.77 35.38 11.81
N LYS B 92 5.21 34.94 10.68
CA LYS B 92 3.94 34.19 10.74
C LYS B 92 4.12 32.70 11.09
N LYS B 93 4.94 31.99 10.35
CA LYS B 93 5.16 30.58 10.63
C LYS B 93 6.40 30.11 9.87
N PRO B 94 6.97 28.96 10.27
CA PRO B 94 8.09 28.41 9.52
C PRO B 94 7.71 27.89 8.17
N LEU B 95 8.68 27.97 7.26
CA LEU B 95 8.58 27.53 5.88
C LEU B 95 9.57 26.40 5.63
N PHE B 96 9.05 25.31 5.06
CA PHE B 96 9.81 24.26 4.46
C PHE B 96 9.79 24.39 2.94
N LEU B 97 10.85 23.97 2.29
CA LEU B 97 10.95 24.07 0.85
C LEU B 97 11.28 22.66 0.40
N SER B 98 10.41 22.10 -0.46
CA SER B 98 10.63 20.78 -1.00
C SER B 98 11.28 20.84 -2.36
N ILE B 99 12.35 20.09 -2.52
CA ILE B 99 13.01 20.00 -3.82
C ILE B 99 12.94 18.58 -4.29
N SER B 100 12.61 18.38 -5.56
CA SER B 100 12.46 17.03 -6.11
C SER B 100 13.04 16.86 -7.52
N GLY B 101 14.29 17.23 -7.67
CA GLY B 101 14.96 17.04 -8.94
C GLY B 101 15.05 15.59 -9.41
N LEU B 102 15.35 15.45 -10.68
CA LEU B 102 15.22 14.17 -11.37
C LEU B 102 16.54 13.36 -11.45
N SER B 103 17.54 13.79 -10.72
CA SER B 103 18.86 13.16 -10.77
C SER B 103 19.58 13.76 -9.61
N VAL B 104 20.63 13.09 -9.18
CA VAL B 104 21.36 13.60 -8.04
C VAL B 104 21.98 14.97 -8.37
N GLU B 105 22.41 15.13 -9.62
CA GLU B 105 23.07 16.37 -10.07
C GLU B 105 22.11 17.53 -10.01
N GLU B 106 20.87 17.30 -10.44
CA GLU B 106 19.90 18.38 -10.36
C GLU B 106 19.72 18.83 -8.90
N ASN B 107 19.53 17.88 -7.98
CA ASN B 107 19.35 18.22 -6.58
C ASN B 107 20.58 18.93 -6.01
N VAL B 108 21.77 18.49 -6.38
CA VAL B 108 22.98 19.13 -5.89
C VAL B 108 22.95 20.61 -6.29
N ALA B 109 22.63 20.85 -7.56
CA ALA B 109 22.61 22.21 -8.08
C ALA B 109 21.66 23.08 -7.24
N MET B 110 20.50 22.50 -6.91
CA MET B 110 19.52 23.23 -6.12
C MET B 110 20.00 23.53 -4.70
N VAL B 111 20.53 22.53 -4.01
CA VAL B 111 20.83 22.76 -2.59
C VAL B 111 22.01 23.70 -2.38
N ARG B 112 22.94 23.73 -3.34
CA ARG B 112 24.07 24.69 -3.31
C ARG B 112 23.57 26.13 -3.27
N ARG B 113 22.50 26.42 -4.01
CA ARG B 113 21.89 27.74 -4.02
C ARG B 113 20.94 28.00 -2.84
N LEU B 114 20.34 26.95 -2.29
CA LEU B 114 19.45 27.10 -1.15
C LEU B 114 20.23 27.40 0.13
N ALA B 115 21.42 26.82 0.23
CA ALA B 115 22.22 26.91 1.46
C ALA B 115 22.35 28.32 2.09
N PRO B 116 22.77 29.33 1.31
CA PRO B 116 22.84 30.69 1.89
C PRO B 116 21.49 31.26 2.36
N VAL B 117 20.39 30.89 1.68
CA VAL B 117 19.05 31.33 2.10
C VAL B 117 18.60 30.63 3.36
N ALA B 118 18.96 29.36 3.49
CA ALA B 118 18.67 28.61 4.71
C ALA B 118 19.43 29.25 5.86
N GLN B 119 20.73 29.50 5.66
CA GLN B 119 21.55 30.18 6.69
C GLN B 119 20.97 31.53 7.08
N GLU B 120 20.61 32.31 6.08
CA GLU B 120 20.07 33.64 6.33
C GLU B 120 18.67 33.61 6.94
N LYS B 121 17.76 32.84 6.33
CA LYS B 121 16.35 32.98 6.66
C LYS B 121 15.80 31.86 7.52
N GLY B 122 16.50 30.73 7.60
CA GLY B 122 16.03 29.60 8.41
C GLY B 122 14.96 28.74 7.72
N VAL B 123 14.82 28.91 6.39
CA VAL B 123 14.01 27.99 5.62
C VAL B 123 14.58 26.59 5.76
N LEU B 124 13.70 25.62 5.90
CA LEU B 124 14.08 24.22 6.07
C LEU B 124 13.88 23.42 4.77
N LEU B 125 14.81 22.53 4.47
CA LEU B 125 14.77 21.75 3.27
C LEU B 125 14.06 20.42 3.55
N GLU B 126 13.16 20.05 2.64
CA GLU B 126 12.58 18.67 2.59
C GLU B 126 12.98 18.10 1.26
N LEU B 127 13.77 17.05 1.28
CA LEU B 127 14.27 16.49 0.07
C LEU B 127 13.34 15.39 -0.31
N ASN B 128 12.74 15.50 -1.48
CA ASN B 128 11.77 14.49 -1.95
C ASN B 128 12.46 13.29 -2.59
N LEU B 129 12.46 12.16 -1.90
CA LEU B 129 12.99 10.94 -2.49
C LEU B 129 11.92 9.96 -2.96
N SER B 130 10.72 10.42 -3.23
CA SER B 130 9.62 9.48 -3.49
C SER B 130 8.56 9.93 -4.45
N CYS B 131 8.84 10.76 -5.45
CA CYS B 131 7.81 10.99 -6.53
C CYS B 131 7.51 9.68 -7.26
N PRO B 132 6.24 9.19 -7.24
CA PRO B 132 6.02 7.90 -7.94
C PRO B 132 5.47 8.02 -9.38
N ASN B 133 5.32 9.26 -9.88
CA ASN B 133 4.48 9.59 -11.07
C ASN B 133 5.11 10.12 -12.38
N VAL B 134 6.43 10.26 -12.41
CA VAL B 134 7.13 10.62 -13.66
C VAL B 134 7.73 9.32 -14.25
N PRO B 135 7.39 8.97 -15.52
CA PRO B 135 7.81 7.64 -16.05
C PRO B 135 9.30 7.40 -16.27
N GLY B 136 9.69 6.13 -16.14
CA GLY B 136 11.08 5.74 -16.23
C GLY B 136 11.92 6.32 -15.08
N LYS B 137 11.23 6.95 -14.13
CA LYS B 137 11.85 7.61 -12.98
C LYS B 137 11.43 6.93 -11.66
N PRO B 138 11.50 5.55 -11.60
CA PRO B 138 11.11 4.89 -10.35
C PRO B 138 11.84 5.37 -9.08
N GLN B 139 11.05 5.39 -8.00
CA GLN B 139 11.34 6.19 -6.82
C GLN B 139 12.66 5.84 -6.15
N VAL B 140 13.40 6.90 -5.86
CA VAL B 140 14.78 6.79 -5.42
C VAL B 140 14.89 5.87 -4.18
N ALA B 141 13.99 6.09 -3.23
CA ALA B 141 14.04 5.45 -1.93
C ALA B 141 13.59 3.96 -1.94
N TYR B 142 13.10 3.50 -3.08
CA TYR B 142 12.99 2.07 -3.31
C TYR B 142 14.27 1.44 -3.88
N ASP B 143 15.30 2.24 -4.15
CA ASP B 143 16.64 1.73 -4.49
C ASP B 143 17.65 2.26 -3.49
N PHE B 144 18.02 1.40 -2.55
CA PHE B 144 18.79 1.85 -1.39
C PHE B 144 20.15 2.38 -1.80
N GLU B 145 20.74 1.81 -2.84
CA GLU B 145 22.04 2.30 -3.29
C GLU B 145 21.89 3.75 -3.81
N ALA B 146 20.93 3.98 -4.70
CA ALA B 146 20.64 5.31 -5.17
C ALA B 146 20.32 6.28 -4.00
N MET B 147 19.60 5.78 -2.98
CA MET B 147 19.22 6.63 -1.85
C MET B 147 20.47 7.10 -1.10
N ARG B 148 21.39 6.15 -0.87
CA ARG B 148 22.66 6.47 -0.23
C ARG B 148 23.39 7.58 -1.02
N THR B 149 23.47 7.42 -2.34
CA THR B 149 24.17 8.43 -3.17
C THR B 149 23.54 9.80 -2.99
N TYR B 150 22.21 9.87 -3.11
CA TYR B 150 21.51 11.16 -3.02
C TYR B 150 21.84 11.84 -1.70
N LEU B 151 21.84 11.09 -0.59
CA LEU B 151 22.05 11.66 0.72
C LEU B 151 23.49 12.05 1.00
N GLN B 152 24.43 11.32 0.41
CA GLN B 152 25.84 11.71 0.44
C GLN B 152 26.07 13.03 -0.27
N GLN B 153 25.73 13.05 -1.54
CA GLN B 153 25.94 14.25 -2.36
C GLN B 153 25.25 15.49 -1.78
N VAL B 154 24.00 15.32 -1.33
CA VAL B 154 23.24 16.43 -0.80
C VAL B 154 23.77 16.89 0.56
N SER B 155 24.09 15.96 1.46
CA SER B 155 24.81 16.35 2.70
C SER B 155 26.08 17.15 2.39
N LEU B 156 26.89 16.63 1.47
CA LEU B 156 28.16 17.26 1.12
C LEU B 156 27.97 18.71 0.60
N ALA B 157 27.07 18.83 -0.38
CA ALA B 157 26.81 20.07 -1.09
C ALA B 157 26.05 21.08 -0.26
N TYR B 158 25.22 20.60 0.68
CA TYR B 158 24.33 21.47 1.44
C TYR B 158 24.96 21.79 2.77
N GLY B 159 25.39 20.75 3.48
CA GLY B 159 26.03 20.91 4.80
C GLY B 159 25.17 21.54 5.87
N LEU B 160 23.86 21.50 5.73
CA LEU B 160 22.99 21.97 6.82
C LEU B 160 21.88 20.96 7.15
N PRO B 161 21.27 21.11 8.32
CA PRO B 161 20.12 20.26 8.67
C PRO B 161 19.07 20.22 7.58
N PHE B 162 18.64 19.03 7.19
CA PHE B 162 17.48 18.88 6.33
C PHE B 162 16.63 17.65 6.69
N GLY B 163 15.55 17.48 5.94
CA GLY B 163 14.71 16.30 6.07
C GLY B 163 14.43 15.64 4.76
N VAL B 164 13.84 14.46 4.84
CA VAL B 164 13.58 13.63 3.65
C VAL B 164 12.12 13.19 3.64
N LYS B 165 11.48 13.28 2.48
CA LYS B 165 10.12 12.74 2.26
C LYS B 165 10.24 11.31 1.73
N MET B 166 9.74 10.34 2.49
CA MET B 166 9.93 8.92 2.19
C MET B 166 8.67 8.31 1.64
N PRO B 167 8.80 7.29 0.78
CA PRO B 167 7.65 6.55 0.34
C PRO B 167 7.29 5.53 1.39
N PRO B 168 6.10 4.97 1.27
CA PRO B 168 5.73 3.95 2.23
C PRO B 168 6.46 2.63 1.88
N TYR B 169 6.89 1.89 2.89
CA TYR B 169 7.35 0.53 2.66
C TYR B 169 6.33 -0.40 3.28
N PHE B 170 6.42 -1.67 2.92
CA PHE B 170 5.44 -2.67 3.30
C PHE B 170 6.07 -3.97 3.81
N ASP B 171 7.32 -3.87 4.28
CA ASP B 171 8.18 -5.04 4.51
C ASP B 171 9.20 -4.71 5.59
N ILE B 172 9.28 -5.57 6.61
CA ILE B 172 10.13 -5.30 7.76
C ILE B 172 11.62 -5.08 7.36
N ALA B 173 12.14 -5.93 6.48
CA ALA B 173 13.53 -5.80 6.03
C ALA B 173 13.78 -4.44 5.36
N HIS B 174 12.76 -3.94 4.65
CA HIS B 174 12.86 -2.62 4.04
C HIS B 174 12.77 -1.49 5.07
N PHE B 175 12.00 -1.63 6.15
CA PHE B 175 12.11 -0.63 7.22
C PHE B 175 13.53 -0.68 7.82
N ASP B 176 14.08 -1.88 7.95
CA ASP B 176 15.37 -2.02 8.55
C ASP B 176 16.45 -1.31 7.71
N THR B 177 16.51 -1.66 6.43
CA THR B 177 17.53 -1.13 5.55
C THR B 177 17.42 0.37 5.43
N ALA B 178 16.22 0.83 5.09
CA ALA B 178 15.96 2.23 4.91
C ALA B 178 16.28 3.04 6.17
N ALA B 179 15.93 2.53 7.34
CA ALA B 179 16.25 3.30 8.56
C ALA B 179 17.76 3.40 8.84
N ALA B 180 18.51 2.40 8.41
CA ALA B 180 19.97 2.38 8.64
C ALA B 180 20.68 3.32 7.65
N VAL B 181 20.30 3.25 6.38
CA VAL B 181 20.72 4.30 5.45
C VAL B 181 20.53 5.71 6.07
N LEU B 182 19.33 6.07 6.47
CA LEU B 182 19.09 7.41 7.05
C LEU B 182 19.98 7.77 8.24
N ASN B 183 20.20 6.78 9.09
CA ASN B 183 20.97 6.95 10.30
C ASN B 183 22.47 7.13 9.98
N GLU B 184 22.90 6.83 8.77
CA GLU B 184 24.26 7.15 8.34
C GLU B 184 24.42 8.67 8.16
N PHE B 185 23.33 9.43 8.00
CA PHE B 185 23.46 10.84 7.70
C PHE B 185 22.95 11.74 8.82
N PRO B 186 23.87 12.20 9.66
CA PRO B 186 23.49 13.01 10.81
C PRO B 186 22.88 14.36 10.45
N LEU B 187 23.08 14.85 9.22
CA LEU B 187 22.37 16.06 8.81
C LEU B 187 20.87 15.83 8.51
N VAL B 188 20.45 14.58 8.33
CA VAL B 188 19.03 14.34 8.14
C VAL B 188 18.40 14.37 9.49
N LYS B 189 17.67 15.44 9.80
CA LYS B 189 17.16 15.68 11.13
C LYS B 189 15.69 15.27 11.29
N PHE B 190 14.99 15.11 10.17
CA PHE B 190 13.62 14.64 10.18
C PHE B 190 13.35 13.78 8.97
N VAL B 191 12.35 12.93 9.14
CA VAL B 191 11.88 11.99 8.16
C VAL B 191 10.36 12.13 8.06
N THR B 192 9.89 12.47 6.86
CA THR B 192 8.46 12.59 6.62
C THR B 192 7.91 11.28 6.01
N CYS B 193 7.06 10.60 6.78
CA CYS B 193 6.41 9.38 6.37
C CYS B 193 4.89 9.62 6.36
N VAL B 194 4.22 9.54 5.21
CA VAL B 194 4.75 9.02 3.95
C VAL B 194 4.22 9.79 2.74
N ASN B 195 4.89 9.59 1.61
CA ASN B 195 4.39 10.01 0.30
C ASN B 195 3.24 9.09 -0.09
N SER B 196 2.63 9.34 -1.25
CA SER B 196 1.48 8.54 -1.61
C SER B 196 1.82 7.07 -1.81
N VAL B 197 0.83 6.22 -1.65
CA VAL B 197 0.99 4.83 -1.95
C VAL B 197 0.96 4.64 -3.47
N GLY B 198 2.14 4.29 -3.99
CA GLY B 198 2.43 4.35 -5.41
C GLY B 198 1.56 3.47 -6.27
N ASN B 199 1.20 4.03 -7.44
CA ASN B 199 0.67 3.31 -8.58
C ASN B 199 -0.51 2.42 -8.27
N GLY B 200 -1.47 2.96 -7.55
CA GLY B 200 -2.79 2.35 -7.44
C GLY B 200 -3.55 2.68 -8.70
N LEU B 201 -4.75 2.11 -8.83
CA LEU B 201 -5.54 2.25 -10.04
C LEU B 201 -7.00 2.36 -9.69
N VAL B 202 -7.60 3.53 -9.89
CA VAL B 202 -9.03 3.72 -9.69
C VAL B 202 -9.77 3.59 -11.01
N ILE B 203 -10.90 2.87 -10.97
CA ILE B 203 -11.69 2.56 -12.19
C ILE B 203 -13.14 2.93 -11.95
N ASP B 204 -13.71 3.74 -12.81
CA ASP B 204 -15.12 4.09 -12.71
C ASP B 204 -16.01 3.00 -13.36
N ALA B 205 -16.87 2.41 -12.54
CA ALA B 205 -17.80 1.37 -12.97
C ALA B 205 -18.76 1.75 -14.11
N GLU B 206 -19.37 2.92 -14.03
CA GLU B 206 -20.34 3.30 -15.08
C GLU B 206 -19.66 3.45 -16.47
N SER B 207 -18.53 4.13 -16.51
CA SER B 207 -17.88 4.44 -17.76
C SER B 207 -16.82 3.37 -18.24
N GLU B 208 -16.47 2.45 -17.33
CA GLU B 208 -15.55 1.40 -17.60
C GLU B 208 -14.16 1.92 -17.84
N SER B 209 -13.83 2.99 -17.14
CA SER B 209 -12.68 3.76 -17.48
C SER B 209 -11.86 4.18 -16.26
N VAL B 210 -10.55 4.26 -16.45
CA VAL B 210 -9.69 4.84 -15.47
C VAL B 210 -10.08 6.32 -15.36
N VAL B 211 -9.77 6.94 -14.25
CA VAL B 211 -10.26 8.28 -13.98
C VAL B 211 -9.21 9.37 -14.11
N ILE B 212 -7.93 8.99 -14.23
CA ILE B 212 -6.89 9.96 -14.52
C ILE B 212 -6.25 9.54 -15.84
N LYS B 213 -5.78 10.53 -16.59
CA LYS B 213 -5.27 10.30 -17.94
C LYS B 213 -3.84 9.77 -18.03
N PRO B 214 -2.92 10.31 -17.19
CA PRO B 214 -1.52 9.91 -17.41
C PRO B 214 -1.29 8.47 -17.03
N LYS B 215 -0.27 7.84 -17.62
CA LYS B 215 0.23 6.55 -17.14
C LYS B 215 -0.86 5.47 -17.13
N GLN B 216 -1.76 5.52 -18.08
CA GLN B 216 -2.83 4.52 -18.21
C GLN B 216 -3.71 4.38 -16.96
N GLY B 217 -3.89 5.50 -16.25
CA GLY B 217 -4.73 5.52 -15.06
C GLY B 217 -4.01 5.31 -13.76
N PHE B 218 -2.74 4.89 -13.81
CA PHE B 218 -1.97 4.56 -12.60
C PHE B 218 -1.42 5.85 -11.93
N GLY B 219 -1.59 5.99 -10.61
CA GLY B 219 -1.08 7.11 -9.85
C GLY B 219 -1.04 6.86 -8.35
N GLY B 220 -0.50 7.83 -7.60
CA GLY B 220 -0.36 7.70 -6.13
C GLY B 220 -1.66 7.89 -5.36
N LEU B 221 -1.89 7.05 -4.36
CA LEU B 221 -3.09 7.14 -3.52
C LEU B 221 -2.83 7.89 -2.26
N GLY B 222 -3.83 8.67 -1.82
CA GLY B 222 -3.79 9.28 -0.51
C GLY B 222 -5.14 9.21 0.12
N GLY B 223 -5.22 9.68 1.36
CA GLY B 223 -6.49 9.76 2.05
C GLY B 223 -6.77 8.55 2.93
N LYS B 224 -8.05 8.20 3.09
CA LYS B 224 -8.42 7.19 4.05
C LYS B 224 -7.83 5.85 3.71
N TYR B 225 -7.54 5.62 2.42
CA TYR B 225 -7.01 4.35 1.96
C TYR B 225 -5.71 4.01 2.66
N ILE B 226 -4.92 5.03 3.01
CA ILE B 226 -3.54 4.78 3.42
C ILE B 226 -3.21 5.09 4.87
N LEU B 227 -4.18 5.38 5.74
CA LEU B 227 -3.86 5.79 7.10
C LEU B 227 -3.10 4.70 7.86
N PRO B 228 -3.59 3.45 7.77
CA PRO B 228 -2.85 2.43 8.52
C PRO B 228 -1.43 2.16 7.96
N THR B 229 -1.22 2.37 6.67
CA THR B 229 0.12 2.32 6.09
C THR B 229 0.98 3.47 6.59
N ALA B 230 0.39 4.64 6.64
CA ALA B 230 1.09 5.80 7.13
C ALA B 230 1.48 5.62 8.62
N LEU B 231 0.54 5.20 9.43
CA LEU B 231 0.83 5.05 10.84
C LEU B 231 1.95 4.06 11.03
N ALA B 232 1.96 3.00 10.22
CA ALA B 232 3.05 2.02 10.29
C ALA B 232 4.41 2.60 9.96
N ASN B 233 4.51 3.40 8.91
CA ASN B 233 5.80 3.90 8.51
C ASN B 233 6.27 4.90 9.53
N VAL B 234 5.39 5.83 9.93
CA VAL B 234 5.71 6.73 11.03
C VAL B 234 6.32 5.99 12.24
N ASN B 235 5.63 4.97 12.74
CA ASN B 235 6.11 4.30 13.93
C ASN B 235 7.35 3.44 13.68
N ALA B 236 7.41 2.81 12.52
CA ALA B 236 8.62 2.06 12.12
C ALA B 236 9.85 2.93 12.19
N PHE B 237 9.76 4.17 11.70
CA PHE B 237 10.92 5.07 11.67
C PHE B 237 11.13 5.78 12.97
N TYR B 238 10.09 5.86 13.78
CA TYR B 238 10.22 6.51 15.06
C TYR B 238 11.04 5.63 15.98
N ARG B 239 10.80 4.31 15.88
CA ARG B 239 11.49 3.34 16.70
C ARG B 239 12.90 3.15 16.17
N ARG B 240 13.03 3.13 14.85
CA ARG B 240 14.31 2.95 14.19
C ARG B 240 15.25 4.13 14.19
N CYS B 241 14.74 5.36 14.18
CA CYS B 241 15.64 6.51 14.23
C CYS B 241 15.50 7.35 15.51
N PRO B 242 16.06 6.87 16.64
CA PRO B 242 15.73 7.66 17.84
C PRO B 242 16.41 9.03 17.92
N ASP B 243 17.50 9.27 17.20
CA ASP B 243 18.08 10.61 17.18
C ASP B 243 17.46 11.56 16.13
N LYS B 244 16.42 11.16 15.40
CA LYS B 244 15.74 12.05 14.43
C LYS B 244 14.30 12.39 14.80
N LEU B 245 13.75 13.39 14.11
CA LEU B 245 12.31 13.67 14.16
C LEU B 245 11.59 12.91 13.03
N VAL B 246 10.37 12.47 13.30
CA VAL B 246 9.48 11.93 12.28
C VAL B 246 8.28 12.87 12.12
N PHE B 247 8.03 13.29 10.89
CA PHE B 247 6.82 14.02 10.55
C PHE B 247 5.87 13.00 9.92
N GLY B 248 4.62 13.04 10.35
CA GLY B 248 3.60 12.14 9.87
C GLY B 248 2.83 12.76 8.75
N CYS B 249 2.59 11.94 7.71
CA CYS B 249 1.75 12.33 6.58
C CYS B 249 1.00 11.14 6.07
N GLY B 250 -0.31 11.26 5.90
CA GLY B 250 -1.08 10.17 5.26
C GLY B 250 -2.40 9.91 5.96
N GLY B 251 -3.48 10.18 5.26
CA GLY B 251 -4.80 9.84 5.76
C GLY B 251 -5.33 10.69 6.88
N VAL B 252 -4.85 11.93 7.02
CA VAL B 252 -5.36 12.80 8.11
C VAL B 252 -6.60 13.64 7.71
N TYR B 253 -7.76 13.33 8.32
CA TYR B 253 -8.99 14.12 8.16
C TYR B 253 -9.53 14.71 9.45
N SER B 254 -8.92 14.39 10.61
CA SER B 254 -9.52 14.76 11.88
C SER B 254 -8.49 14.89 12.96
N GLY B 255 -8.87 15.52 14.06
CA GLY B 255 -8.01 15.56 15.24
C GLY B 255 -7.66 14.14 15.70
N GLU B 256 -8.59 13.19 15.55
CA GLU B 256 -8.31 11.82 15.93
C GLU B 256 -7.20 11.25 15.08
N ASP B 257 -7.27 11.38 13.75
CA ASP B 257 -6.20 10.78 12.91
C ASP B 257 -4.88 11.40 13.31
N ALA B 258 -4.88 12.71 13.58
CA ALA B 258 -3.68 13.43 14.00
C ALA B 258 -3.16 12.93 15.36
N PHE B 259 -4.09 12.64 16.25
CA PHE B 259 -3.79 11.99 17.50
C PHE B 259 -3.07 10.64 17.34
N LEU B 260 -3.55 9.81 16.42
CA LEU B 260 -2.96 8.53 16.15
C LEU B 260 -1.59 8.73 15.56
N HIS B 261 -1.47 9.64 14.60
CA HIS B 261 -0.13 9.93 14.05
C HIS B 261 0.88 10.24 15.13
N ILE B 262 0.41 10.99 16.12
CA ILE B 262 1.32 11.59 17.07
C ILE B 262 1.70 10.53 18.09
N LEU B 263 0.71 9.69 18.42
CA LEU B 263 0.96 8.45 19.20
C LEU B 263 1.97 7.58 18.55
N ALA B 264 1.90 7.46 17.24
CA ALA B 264 2.83 6.60 16.51
C ALA B 264 4.25 7.17 16.52
N GLY B 265 4.40 8.42 16.91
CA GLY B 265 5.66 9.12 16.98
C GLY B 265 5.84 10.44 16.21
N ALA B 266 4.83 10.89 15.50
CA ALA B 266 4.91 12.09 14.71
C ALA B 266 5.15 13.41 15.52
N SER B 267 6.03 14.24 15.02
CA SER B 267 6.10 15.63 15.51
C SER B 267 5.25 16.65 14.73
N MET B 268 5.52 16.89 13.48
CA MET B 268 4.64 17.65 12.62
C MET B 268 3.65 16.62 12.00
N VAL B 269 2.47 17.07 11.68
CA VAL B 269 1.50 16.30 10.99
C VAL B 269 1.08 16.99 9.71
N GLN B 270 1.30 16.37 8.59
CA GLN B 270 0.93 16.95 7.29
C GLN B 270 -0.46 16.52 6.80
N VAL B 271 -1.10 17.41 6.10
CA VAL B 271 -2.41 17.17 5.60
C VAL B 271 -2.46 17.41 4.08
N GLY B 272 -2.78 16.34 3.36
CA GLY B 272 -2.82 16.37 1.90
C GLY B 272 -4.23 16.36 1.34
N THR B 273 -4.72 15.17 1.06
CA THR B 273 -5.99 14.98 0.40
C THR B 273 -7.14 15.71 1.13
N ALA B 274 -7.19 15.59 2.46
CA ALA B 274 -8.26 16.22 3.17
C ALA B 274 -8.21 17.75 3.01
N LEU B 275 -7.01 18.33 2.85
CA LEU B 275 -6.85 19.79 2.69
C LEU B 275 -7.22 20.19 1.28
N GLN B 276 -6.84 19.34 0.33
CA GLN B 276 -7.19 19.55 -1.06
C GLN B 276 -8.70 19.58 -1.18
N GLU B 277 -9.39 18.74 -0.41
CA GLU B 277 -10.83 18.61 -0.58
C GLU B 277 -11.60 19.65 0.24
N GLU B 278 -11.13 19.95 1.45
CA GLU B 278 -11.92 20.79 2.36
C GLU B 278 -11.41 22.24 2.39
N GLY B 279 -10.16 22.48 1.99
CA GLY B 279 -9.59 23.84 1.99
C GLY B 279 -8.96 24.17 3.35
N PRO B 280 -8.26 25.31 3.43
CA PRO B 280 -7.43 25.65 4.58
C PRO B 280 -8.19 25.88 5.85
N GLY B 281 -9.51 26.05 5.78
CA GLY B 281 -10.31 26.06 7.00
C GLY B 281 -10.19 24.77 7.82
N ILE B 282 -9.64 23.71 7.20
CA ILE B 282 -9.44 22.43 7.90
C ILE B 282 -8.54 22.58 9.13
N PHE B 283 -7.62 23.54 9.11
CA PHE B 283 -6.64 23.65 10.17
C PHE B 283 -7.21 24.07 11.47
N THR B 284 -8.30 24.85 11.48
CA THR B 284 -8.94 25.22 12.74
C THR B 284 -9.70 24.06 13.31
N ARG B 285 -10.31 23.25 12.45
CA ARG B 285 -11.07 22.11 12.89
C ARG B 285 -10.14 21.10 13.54
N LEU B 286 -9.01 20.86 12.88
CA LEU B 286 -8.08 19.84 13.34
C LEU B 286 -7.54 20.21 14.70
N GLU B 287 -7.18 21.47 14.87
CA GLU B 287 -6.72 21.97 16.19
C GLU B 287 -7.72 21.74 17.30
N ASP B 288 -8.96 22.19 17.07
CA ASP B 288 -10.01 22.07 18.07
C ASP B 288 -10.29 20.62 18.38
N GLU B 289 -10.30 19.78 17.33
CA GLU B 289 -10.52 18.35 17.50
C GLU B 289 -9.40 17.74 18.32
N LEU B 290 -8.15 18.07 18.01
CA LEU B 290 -7.07 17.42 18.76
C LEU B 290 -7.12 17.82 20.25
N LEU B 291 -7.38 19.12 20.48
CA LEU B 291 -7.47 19.73 21.80
C LEU B 291 -8.58 19.12 22.65
N GLU B 292 -9.73 18.88 22.03
CA GLU B 292 -10.83 18.19 22.68
C GLU B 292 -10.42 16.76 23.10
N ILE B 293 -9.66 16.08 22.25
CA ILE B 293 -9.18 14.76 22.57
C ILE B 293 -8.21 14.79 23.76
N MET B 294 -7.27 15.73 23.71
CA MET B 294 -6.29 15.91 24.79
C MET B 294 -6.99 16.25 26.10
N ALA B 295 -7.96 17.16 26.04
CA ALA B 295 -8.70 17.56 27.24
C ALA B 295 -9.42 16.37 27.89
N ARG B 296 -10.22 15.69 27.11
CA ARG B 296 -10.88 14.48 27.58
C ARG B 296 -9.90 13.47 28.22
N LYS B 297 -8.67 13.39 27.71
CA LYS B 297 -7.71 12.44 28.25
C LYS B 297 -6.77 12.99 29.32
N GLY B 298 -6.92 14.27 29.68
CA GLY B 298 -6.00 14.87 30.62
C GLY B 298 -4.59 15.12 30.09
N TYR B 299 -4.39 15.11 28.78
CA TYR B 299 -3.07 15.48 28.22
C TYR B 299 -2.99 17.00 28.06
N ARG B 300 -1.90 17.59 28.54
CA ARG B 300 -1.74 19.05 28.49
C ARG B 300 -0.77 19.51 27.41
N THR B 301 0.14 18.63 26.99
CA THR B 301 1.01 18.90 25.87
C THR B 301 1.10 17.71 24.93
N LEU B 302 1.66 17.95 23.76
CA LEU B 302 1.93 16.92 22.78
C LEU B 302 2.97 15.92 23.24
N GLU B 303 4.02 16.39 23.91
CA GLU B 303 5.09 15.49 24.32
C GLU B 303 4.62 14.44 25.36
N GLU B 304 3.48 14.69 26.02
CA GLU B 304 2.95 13.73 27.00
C GLU B 304 2.50 12.43 26.39
N PHE B 305 2.10 12.43 25.13
CA PHE B 305 1.76 11.16 24.46
C PHE B 305 2.52 10.89 23.17
N ARG B 306 3.39 11.80 22.73
CA ARG B 306 4.11 11.52 21.49
C ARG B 306 4.91 10.22 21.63
N GLY B 307 4.64 9.30 20.71
CA GLY B 307 5.41 8.08 20.61
C GLY B 307 4.98 7.03 21.60
N ARG B 308 3.85 7.26 22.28
CA ARG B 308 3.48 6.38 23.40
C ARG B 308 2.40 5.38 23.06
N VAL B 309 2.27 5.03 21.78
CA VAL B 309 1.42 3.92 21.42
C VAL B 309 1.77 2.69 22.25
N LYS B 310 0.75 2.00 22.73
CA LYS B 310 0.96 0.80 23.54
C LYS B 310 0.89 -0.41 22.66
N THR B 311 1.76 -1.38 22.90
CA THR B 311 1.68 -2.70 22.26
C THR B 311 1.12 -3.71 23.25
N ILE B 312 0.64 -4.84 22.76
CA ILE B 312 0.02 -5.85 23.64
C ILE B 312 1.05 -6.87 24.18
N GLU B 313 0.99 -7.06 25.49
CA GLU B 313 1.83 -8.01 26.25
C GLU B 313 3.32 -7.66 26.20
#